data_5R55
#
_entry.id   5R55
#
_cell.length_a   49.720
_cell.length_b   52.370
_cell.length_c   101.890
_cell.angle_alpha   90.000
_cell.angle_beta   90.000
_cell.angle_gamma   90.000
#
_symmetry.space_group_name_H-M   'P 21 21 21'
#
loop_
_entity.id
_entity.type
_entity.pdbx_description
1 polymer 'Uridine diphosphate glucose pyrophosphatase NUDT22'
2 non-polymer ~{N}-methyl-1-pyridin-4-yl-methanamine
3 non-polymer 'DIMETHYL SULFOXIDE'
4 water water
#
_entity_poly.entity_id   1
_entity_poly.type   'polypeptide(L)'
_entity_poly.pdbx_seq_one_letter_code
;SMDPEVTLLLQCPGGGLPQEQIQAELSPAHDRRPLPGGDEAITAIWETRLKAQPWLFDAPKFRLHSATLAPIGSRGPQLL
LRLGLTSYRDFLGTNWSSSAAWLRQQGATDWGDTQAYLADPLGVGAALATADDFLVFLRRSRQVAEAPGLVDVPGGHPEP
QALCPGGSPQHQDLAGQLVVHELFSSVLQEICDEVNLPLLTLSQPLLLGIARNETSAGRASAEFYVQCSLTSEQVRKHYL
SGGPEAHESTGIFFVETQNVRRLPETEMWAELCPSAKGAIILYNRVQGSPTGAALGSPALLPPL
;
_entity_poly.pdbx_strand_id   A
#
loop_
_chem_comp.id
_chem_comp.type
_chem_comp.name
_chem_comp.formula
DMS non-polymer 'DIMETHYL SULFOXIDE' 'C2 H6 O S'
RYP non-polymer ~{N}-methyl-1-pyridin-4-yl-methanamine 'C7 H10 N2'
#
# COMPACT_ATOMS: atom_id res chain seq x y z
N ASP A 3 0.22 -11.06 13.98
N ASP A 3 1.10 -11.00 13.80
CA ASP A 3 -0.62 -10.89 12.77
CA ASP A 3 -0.18 -11.04 13.02
C ASP A 3 0.02 -11.63 11.60
C ASP A 3 0.09 -11.65 11.65
N PRO A 4 -0.36 -12.90 11.35
CA PRO A 4 0.15 -13.62 10.21
C PRO A 4 -0.35 -13.11 8.86
N GLU A 5 -1.34 -12.20 8.79
CA GLU A 5 -1.78 -11.79 7.44
C GLU A 5 -0.92 -10.64 6.89
N VAL A 6 -0.02 -10.07 7.70
CA VAL A 6 0.89 -8.98 7.18
C VAL A 6 2.35 -9.19 7.63
N THR A 7 3.30 -9.04 6.71
CA THR A 7 4.76 -9.10 6.96
C THR A 7 5.40 -7.78 6.51
N LEU A 8 6.36 -7.26 7.27
CA LEU A 8 7.10 -6.02 6.87
C LEU A 8 8.26 -6.43 5.98
N LEU A 9 8.33 -5.91 4.76
CA LEU A 9 9.46 -6.16 3.85
C LEU A 9 10.53 -5.08 4.08
N LEU A 10 10.13 -3.86 4.42
CA LEU A 10 11.07 -2.70 4.54
C LEU A 10 10.54 -1.75 5.60
N GLN A 11 11.38 -1.30 6.56
CA GLN A 11 11.10 -0.18 7.47
C GLN A 11 12.08 0.95 7.12
N CYS A 12 11.60 2.12 6.76
CA CYS A 12 12.47 3.25 6.34
C CYS A 12 13.08 3.91 7.57
N PRO A 13 14.31 4.43 7.40
CA PRO A 13 14.96 5.19 8.46
C PRO A 13 14.56 6.67 8.48
N GLY A 14 15.04 7.37 9.50
CA GLY A 14 14.91 8.83 9.61
C GLY A 14 13.50 9.36 9.73
N GLY A 15 12.52 8.55 10.12
CA GLY A 15 11.12 8.94 10.24
C GLY A 15 10.41 8.81 8.90
N GLY A 16 11.08 8.30 7.87
CA GLY A 16 10.50 8.10 6.52
C GLY A 16 11.32 8.80 5.45
N LEU A 17 11.33 8.26 4.24
CA LEU A 17 12.13 8.84 3.12
C LEU A 17 11.33 9.76 2.19
N PRO A 18 11.87 10.97 1.87
CA PRO A 18 11.29 11.81 0.85
C PRO A 18 11.64 11.28 -0.54
N GLN A 19 10.89 11.76 -1.53
CA GLN A 19 11.01 11.38 -2.95
C GLN A 19 12.48 11.48 -3.45
N GLU A 20 13.15 12.58 -3.11
CA GLU A 20 14.51 12.91 -3.64
C GLU A 20 15.55 11.90 -3.17
N GLN A 21 15.25 11.03 -2.19
CA GLN A 21 16.23 10.07 -1.64
C GLN A 21 16.02 8.65 -2.18
N ILE A 22 15.16 8.46 -3.19
CA ILE A 22 14.79 7.10 -3.68
C ILE A 22 15.13 7.01 -5.17
N GLN A 23 15.76 5.89 -5.53
CA GLN A 23 16.10 5.47 -6.91
C GLN A 23 15.18 4.31 -7.31
N ALA A 24 14.74 4.25 -8.55
CA ALA A 24 14.06 3.04 -9.06
C ALA A 24 14.84 2.48 -10.26
N GLU A 25 14.82 1.16 -10.41
CA GLU A 25 15.31 0.44 -11.61
C GLU A 25 14.09 -0.30 -12.16
N LEU A 26 13.54 0.18 -13.28
CA LEU A 26 12.38 -0.46 -13.95
C LEU A 26 12.97 -1.33 -15.08
N SER A 27 12.91 -2.65 -14.98
CA SER A 27 13.63 -3.60 -15.89
C SER A 27 12.76 -4.82 -16.17
N PRO A 28 12.77 -5.37 -17.40
CA PRO A 28 12.07 -6.63 -17.67
C PRO A 28 12.70 -7.82 -16.91
N ALA A 29 13.93 -7.71 -16.33
CA ALA A 29 14.50 -8.72 -15.44
C ALA A 29 13.67 -8.84 -14.14
N HIS A 30 12.82 -7.85 -13.86
CA HIS A 30 12.05 -7.76 -12.59
C HIS A 30 10.60 -8.23 -12.82
N ASP A 31 10.30 -8.70 -14.02
CA ASP A 31 8.93 -9.16 -14.38
C ASP A 31 8.67 -10.55 -13.78
N ARG A 32 7.38 -10.91 -13.70
CA ARG A 32 6.97 -12.30 -13.44
C ARG A 32 7.59 -13.23 -14.50
N ARG A 33 7.91 -14.44 -14.08
CA ARG A 33 8.36 -15.52 -15.00
C ARG A 33 7.11 -16.17 -15.61
N PRO A 34 7.18 -16.58 -16.90
CA PRO A 34 6.07 -17.32 -17.50
C PRO A 34 5.79 -18.59 -16.69
N LEU A 35 4.52 -18.98 -16.59
CA LEU A 35 4.08 -20.15 -15.81
C LEU A 35 4.66 -21.42 -16.42
N PRO A 36 5.01 -22.43 -15.60
CA PRO A 36 5.66 -23.64 -16.11
C PRO A 36 4.96 -24.32 -17.31
N GLY A 37 3.63 -24.40 -17.26
CA GLY A 37 2.80 -25.05 -18.29
C GLY A 37 2.29 -24.05 -19.31
N GLY A 38 2.72 -22.79 -19.21
CA GLY A 38 2.41 -21.72 -20.18
C GLY A 38 1.38 -20.74 -19.62
N ASP A 39 1.47 -19.49 -20.08
CA ASP A 39 0.57 -18.39 -19.61
C ASP A 39 -0.86 -18.56 -20.19
N GLU A 40 -1.10 -19.55 -21.06
CA GLU A 40 -2.48 -19.88 -21.51
C GLU A 40 -3.44 -20.08 -20.33
N ALA A 41 -3.02 -20.53 -19.16
CA ALA A 41 -3.93 -20.71 -18.02
C ALA A 41 -4.48 -19.34 -17.56
N ILE A 42 -3.66 -18.28 -17.64
CA ILE A 42 -4.09 -16.89 -17.27
C ILE A 42 -5.10 -16.39 -18.31
N THR A 43 -4.83 -16.62 -19.58
CA THR A 43 -5.71 -16.23 -20.70
C THR A 43 -7.07 -16.90 -20.54
N ALA A 44 -7.11 -18.19 -20.17
CA ALA A 44 -8.38 -18.94 -19.97
C ALA A 44 -9.22 -18.32 -18.85
N ILE A 45 -8.62 -18.01 -17.68
CA ILE A 45 -9.35 -17.37 -16.56
C ILE A 45 -9.92 -16.01 -17.04
N TRP A 46 -9.14 -15.25 -17.80
CA TRP A 46 -9.53 -13.87 -18.25
C TRP A 46 -10.71 -13.98 -19.21
N GLU A 47 -10.64 -14.92 -20.15
CA GLU A 47 -11.75 -15.17 -21.12
C GLU A 47 -13.02 -15.55 -20.38
N THR A 48 -12.97 -16.44 -19.38
CA THR A 48 -14.15 -16.84 -18.60
C THR A 48 -14.76 -15.60 -17.91
N ARG A 49 -13.90 -14.74 -17.37
CA ARG A 49 -14.35 -13.54 -16.64
C ARG A 49 -15.01 -12.55 -17.61
N LEU A 50 -14.40 -12.26 -18.75
CA LEU A 50 -14.98 -11.30 -19.74
C LEU A 50 -16.30 -11.83 -20.30
N LYS A 51 -16.47 -13.14 -20.38
CA LYS A 51 -17.73 -13.75 -20.90
C LYS A 51 -18.88 -13.66 -19.87
N ALA A 52 -18.60 -13.28 -18.62
CA ALA A 52 -19.60 -12.99 -17.58
C ALA A 52 -19.72 -11.48 -17.32
N GLN A 53 -18.62 -10.75 -17.44
CA GLN A 53 -18.57 -9.30 -17.14
C GLN A 53 -17.84 -8.60 -18.30
N PRO A 54 -18.51 -8.41 -19.47
CA PRO A 54 -17.79 -7.90 -20.65
C PRO A 54 -17.37 -6.44 -20.58
N TRP A 55 -17.85 -5.69 -19.56
CA TRP A 55 -17.45 -4.27 -19.32
C TRP A 55 -16.12 -4.18 -18.53
N LEU A 56 -15.56 -5.29 -18.05
CA LEU A 56 -14.20 -5.27 -17.41
C LEU A 56 -13.13 -4.88 -18.43
N PHE A 57 -12.09 -4.21 -17.97
CA PHE A 57 -10.92 -3.88 -18.85
C PHE A 57 -9.62 -4.17 -18.08
N ASP A 58 -8.61 -4.55 -18.84
CA ASP A 58 -7.22 -4.76 -18.34
C ASP A 58 -6.56 -3.39 -18.14
N ALA A 59 -5.51 -3.36 -17.33
CA ALA A 59 -4.72 -2.15 -17.09
C ALA A 59 -3.33 -2.60 -16.63
N PRO A 60 -2.28 -1.86 -17.04
CA PRO A 60 -0.93 -2.14 -16.57
C PRO A 60 -0.80 -1.73 -15.09
N LYS A 61 0.19 -2.36 -14.44
CA LYS A 61 0.52 -2.13 -13.02
C LYS A 61 2.05 -2.25 -12.85
N PHE A 62 2.60 -1.60 -11.82
CA PHE A 62 4.01 -1.87 -11.43
C PHE A 62 4.06 -3.18 -10.65
N ARG A 63 5.16 -3.91 -10.82
CA ARG A 63 5.45 -5.16 -10.06
C ARG A 63 6.61 -4.88 -9.10
N LEU A 64 6.50 -5.20 -7.81
CA LEU A 64 7.65 -5.17 -6.89
C LEU A 64 8.48 -6.43 -7.02
N HIS A 65 9.77 -6.32 -7.41
CA HIS A 65 10.74 -7.43 -7.29
C HIS A 65 11.45 -7.42 -5.93
N SER A 66 12.01 -6.29 -5.52
CA SER A 66 12.76 -6.20 -4.24
C SER A 66 13.07 -4.72 -3.94
N ALA A 67 13.54 -4.44 -2.74
CA ALA A 67 13.93 -3.08 -2.34
C ALA A 67 15.14 -3.17 -1.43
N THR A 68 16.22 -2.48 -1.75
CA THR A 68 17.48 -2.52 -0.95
C THR A 68 17.75 -1.13 -0.31
N LEU A 69 17.82 -1.07 1.02
CA LEU A 69 18.16 0.15 1.79
C LEU A 69 19.68 0.30 1.90
N ALA A 70 20.14 1.55 1.77
CA ALA A 70 21.56 1.93 1.98
C ALA A 70 21.96 1.63 3.44
N PRO A 71 23.27 1.57 3.73
CA PRO A 71 23.73 1.56 5.12
C PRO A 71 23.14 2.77 5.88
N ILE A 72 22.64 2.58 7.09
CA ILE A 72 22.02 3.72 7.85
C ILE A 72 23.06 4.82 8.14
N GLY A 73 22.58 6.06 8.08
CA GLY A 73 23.37 7.28 8.36
C GLY A 73 24.23 7.74 7.21
N SER A 74 24.14 7.09 6.04
CA SER A 74 24.94 7.39 4.83
C SER A 74 24.38 8.65 4.11
N ARG A 75 25.23 9.27 3.29
CA ARG A 75 24.82 10.36 2.39
C ARG A 75 24.39 9.73 1.07
N GLY A 76 23.68 10.50 0.27
CA GLY A 76 23.35 10.06 -1.09
C GLY A 76 22.07 9.25 -1.06
N PRO A 77 21.67 8.66 -2.20
CA PRO A 77 20.43 7.89 -2.31
C PRO A 77 20.33 6.79 -1.24
N GLN A 78 19.15 6.67 -0.64
CA GLN A 78 18.94 5.80 0.55
C GLN A 78 18.21 4.49 0.19
N LEU A 79 17.46 4.44 -0.92
CA LEU A 79 16.69 3.21 -1.24
C LEU A 79 16.77 2.95 -2.73
N LEU A 80 16.92 1.68 -3.14
CA LEU A 80 16.75 1.24 -4.56
C LEU A 80 15.53 0.33 -4.66
N LEU A 81 14.53 0.74 -5.46
CA LEU A 81 13.31 -0.06 -5.73
C LEU A 81 13.55 -0.76 -7.05
N ARG A 82 13.55 -2.09 -7.05
CA ARG A 82 13.61 -2.90 -8.28
C ARG A 82 12.20 -3.25 -8.72
N LEU A 83 11.77 -2.67 -9.84
CA LEU A 83 10.36 -2.76 -10.32
C LEU A 83 10.32 -3.40 -11.72
N GLY A 84 9.29 -4.19 -11.96
CA GLY A 84 8.92 -4.68 -13.30
C GLY A 84 7.52 -4.24 -13.67
N LEU A 85 6.95 -4.79 -14.74
CA LEU A 85 5.56 -4.45 -15.12
C LEU A 85 4.71 -5.72 -15.04
N THR A 86 3.45 -5.54 -14.71
CA THR A 86 2.41 -6.60 -14.65
C THR A 86 1.08 -5.99 -15.09
N SER A 87 -0.03 -6.63 -14.72
CA SER A 87 -1.36 -6.21 -15.20
C SER A 87 -2.42 -6.73 -14.26
N TYR A 88 -3.61 -6.10 -14.34
CA TYR A 88 -4.81 -6.60 -13.64
C TYR A 88 -5.11 -8.06 -14.07
N ARG A 89 -5.10 -8.34 -15.38
CA ARG A 89 -5.33 -9.73 -15.91
C ARG A 89 -4.37 -10.74 -15.27
N ASP A 90 -3.08 -10.39 -15.17
CA ASP A 90 -2.09 -11.36 -14.64
C ASP A 90 -2.33 -11.52 -13.13
N PHE A 91 -2.73 -10.45 -12.45
CA PHE A 91 -3.14 -10.55 -11.02
C PHE A 91 -4.30 -11.56 -10.85
N LEU A 92 -5.36 -11.46 -11.67
CA LEU A 92 -6.55 -12.33 -11.53
C LEU A 92 -6.17 -13.79 -11.79
N GLY A 93 -5.19 -14.03 -12.65
CA GLY A 93 -4.74 -15.40 -13.00
C GLY A 93 -3.68 -15.98 -12.05
N THR A 94 -3.12 -15.21 -11.13
CA THR A 94 -2.01 -15.68 -10.26
C THR A 94 -2.34 -15.43 -8.79
N ASN A 95 -2.09 -14.25 -8.24
CA ASN A 95 -2.36 -13.97 -6.80
C ASN A 95 -3.81 -14.32 -6.41
N TRP A 96 -4.77 -13.99 -7.26
CA TRP A 96 -6.23 -14.13 -6.97
C TRP A 96 -6.68 -15.58 -7.20
N SER A 97 -5.90 -16.42 -7.90
CA SER A 97 -6.25 -17.83 -8.24
C SER A 97 -6.34 -18.69 -6.98
N SER A 98 -7.27 -19.66 -6.98
CA SER A 98 -7.36 -20.64 -5.87
C SER A 98 -6.05 -21.43 -5.71
N SER A 99 -5.28 -21.55 -6.79
N SER A 99 -5.28 -21.60 -6.78
CA SER A 99 -4.01 -22.33 -6.84
CA SER A 99 -4.00 -22.38 -6.71
C SER A 99 -2.79 -21.44 -6.54
C SER A 99 -2.78 -21.46 -6.50
N ALA A 100 -2.97 -20.21 -6.05
CA ALA A 100 -1.83 -19.29 -5.79
C ALA A 100 -0.78 -19.99 -4.88
N ALA A 101 -1.17 -20.80 -3.87
CA ALA A 101 -0.16 -21.43 -2.98
C ALA A 101 0.67 -22.43 -3.80
N TRP A 102 0.07 -23.11 -4.79
CA TRP A 102 0.82 -24.08 -5.63
C TRP A 102 1.85 -23.30 -6.48
N LEU A 103 1.49 -22.12 -6.98
CA LEU A 103 2.45 -21.27 -7.75
C LEU A 103 3.62 -20.83 -6.85
N ARG A 104 3.36 -20.54 -5.58
CA ARG A 104 4.44 -20.13 -4.63
C ARG A 104 5.40 -21.31 -4.37
N GLN A 105 4.85 -22.53 -4.22
CA GLN A 105 5.69 -23.75 -4.00
C GLN A 105 6.56 -24.02 -5.25
N GLN A 106 5.97 -23.88 -6.43
N GLN A 106 5.99 -23.89 -6.45
CA GLN A 106 6.64 -24.09 -7.74
CA GLN A 106 6.71 -24.14 -7.74
C GLN A 106 7.77 -23.07 -7.93
C GLN A 106 7.80 -23.07 -7.94
N GLY A 107 7.52 -21.81 -7.54
CA GLY A 107 8.55 -20.75 -7.61
C GLY A 107 9.73 -21.04 -6.68
N ALA A 108 9.48 -21.49 -5.46
CA ALA A 108 10.53 -21.97 -4.52
C ALA A 108 11.36 -23.07 -5.22
N THR A 109 10.71 -24.09 -5.79
CA THR A 109 11.39 -25.23 -6.46
C THR A 109 12.27 -24.75 -7.60
N ASP A 110 11.71 -23.98 -8.53
CA ASP A 110 12.32 -23.68 -9.85
C ASP A 110 13.30 -22.52 -9.76
N TRP A 111 13.05 -21.51 -8.88
CA TRP A 111 13.77 -20.21 -8.90
C TRP A 111 14.35 -19.84 -7.52
N GLY A 112 14.09 -20.64 -6.48
CA GLY A 112 14.35 -20.21 -5.08
C GLY A 112 13.65 -18.90 -4.72
N ASP A 113 12.44 -18.68 -5.26
CA ASP A 113 11.72 -17.38 -5.16
C ASP A 113 10.21 -17.67 -5.10
N THR A 114 9.60 -17.64 -3.90
CA THR A 114 8.16 -17.94 -3.73
C THR A 114 7.30 -17.01 -4.65
N GLN A 115 7.82 -15.84 -5.04
CA GLN A 115 6.99 -14.88 -5.81
C GLN A 115 7.23 -15.02 -7.35
N ALA A 116 8.13 -15.89 -7.83
CA ALA A 116 8.60 -15.88 -9.24
C ALA A 116 7.42 -15.93 -10.24
N TYR A 117 6.39 -16.70 -9.94
CA TYR A 117 5.22 -16.96 -10.84
C TYR A 117 4.01 -16.09 -10.44
N LEU A 118 4.19 -15.10 -9.58
CA LEU A 118 3.07 -14.20 -9.14
C LEU A 118 3.17 -12.81 -9.77
N ALA A 119 2.00 -12.26 -10.16
CA ALA A 119 1.92 -10.89 -10.70
C ALA A 119 2.48 -9.86 -9.71
N ASP A 120 2.06 -9.93 -8.44
CA ASP A 120 2.55 -9.04 -7.34
C ASP A 120 2.48 -7.57 -7.75
N PRO A 121 1.30 -7.07 -8.18
CA PRO A 121 1.11 -5.62 -8.40
C PRO A 121 1.41 -4.80 -7.12
N LEU A 122 2.12 -3.68 -7.31
CA LEU A 122 2.49 -2.77 -6.20
C LEU A 122 1.31 -1.86 -5.86
N GLY A 123 0.85 -1.93 -4.61
CA GLY A 123 -0.10 -0.94 -4.07
C GLY A 123 0.55 0.26 -3.40
N VAL A 124 -0.24 1.33 -3.19
CA VAL A 124 0.14 2.47 -2.32
C VAL A 124 -0.97 2.71 -1.27
N GLY A 125 -0.60 3.02 -0.05
CA GLY A 125 -1.55 3.41 1.02
C GLY A 125 -0.99 4.55 1.84
N ALA A 126 -1.84 5.27 2.58
CA ALA A 126 -1.42 6.39 3.43
C ALA A 126 -1.98 6.27 4.84
N ALA A 127 -1.11 6.50 5.82
CA ALA A 127 -1.44 7.03 7.15
C ALA A 127 -1.62 8.54 6.96
N LEU A 128 -2.88 8.95 6.84
CA LEU A 128 -3.24 10.35 6.56
C LEU A 128 -3.62 11.04 7.88
N ALA A 129 -2.85 12.01 8.34
CA ALA A 129 -3.06 12.66 9.66
C ALA A 129 -3.72 14.03 9.44
N THR A 130 -4.62 14.41 10.34
CA THR A 130 -5.29 15.75 10.35
C THR A 130 -4.50 16.76 11.16
N ALA A 131 -4.88 18.03 11.07
CA ALA A 131 -4.17 19.16 11.74
C ALA A 131 -4.40 19.04 13.25
N ASP A 132 -5.49 18.38 13.66
CA ASP A 132 -5.88 18.17 15.09
C ASP A 132 -5.54 16.75 15.60
N ASP A 133 -4.64 16.07 14.90
N ASP A 133 -4.68 16.03 14.90
CA ASP A 133 -3.91 14.85 15.37
CA ASP A 133 -3.94 14.85 15.45
C ASP A 133 -4.88 13.67 15.45
C ASP A 133 -4.80 13.59 15.42
N PHE A 134 -5.51 13.35 14.32
CA PHE A 134 -6.28 12.09 14.09
C PHE A 134 -5.70 11.42 12.83
N LEU A 135 -5.78 10.10 12.73
CA LEU A 135 -5.65 9.36 11.44
C LEU A 135 -7.02 9.09 10.82
N VAL A 136 -7.07 9.04 9.48
CA VAL A 136 -8.31 8.89 8.66
C VAL A 136 -8.53 7.43 8.25
N PHE A 137 -9.71 6.87 8.58
CA PHE A 137 -10.12 5.49 8.16
C PHE A 137 -11.37 5.53 7.27
N LEU A 138 -11.48 4.52 6.39
CA LEU A 138 -12.59 4.38 5.39
C LEU A 138 -13.24 3.01 5.58
N ARG A 139 -14.56 2.93 5.44
CA ARG A 139 -15.25 1.61 5.51
C ARG A 139 -15.49 1.11 4.09
N ARG A 140 -15.15 -0.15 3.80
CA ARG A 140 -15.39 -0.74 2.46
C ARG A 140 -16.84 -1.23 2.36
N SER A 141 -17.43 -1.12 1.17
CA SER A 141 -18.73 -1.78 0.83
C SER A 141 -18.68 -3.26 1.19
N ARG A 142 -19.80 -3.83 1.67
CA ARG A 142 -19.98 -5.28 1.98
C ARG A 142 -20.25 -6.05 0.67
N GLN A 143 -20.33 -5.34 -0.47
CA GLN A 143 -20.73 -5.89 -1.80
C GLN A 143 -19.54 -6.03 -2.75
N VAL A 144 -18.31 -5.74 -2.33
CA VAL A 144 -17.11 -5.84 -3.22
C VAL A 144 -16.48 -7.22 -3.04
N ALA A 145 -15.60 -7.63 -3.96
CA ALA A 145 -15.03 -8.99 -4.00
C ALA A 145 -13.90 -9.15 -2.97
N GLU A 146 -13.07 -8.12 -2.78
CA GLU A 146 -11.88 -8.15 -1.88
C GLU A 146 -12.20 -7.43 -0.57
N ALA A 147 -11.98 -8.14 0.55
CA ALA A 147 -12.08 -7.57 1.90
C ALA A 147 -13.42 -6.84 2.05
N PRO A 148 -14.58 -7.44 1.69
CA PRO A 148 -15.88 -6.79 1.89
C PRO A 148 -16.18 -6.43 3.36
N GLY A 149 -16.65 -5.21 3.53
CA GLY A 149 -17.11 -4.64 4.82
C GLY A 149 -15.99 -4.32 5.78
N LEU A 150 -14.71 -4.41 5.37
CA LEU A 150 -13.61 -4.18 6.34
C LEU A 150 -13.22 -2.68 6.36
N VAL A 151 -12.47 -2.32 7.37
CA VAL A 151 -11.87 -0.95 7.46
C VAL A 151 -10.59 -0.86 6.61
N ASP A 152 -10.40 0.27 5.93
CA ASP A 152 -9.23 0.51 5.06
C ASP A 152 -8.63 1.90 5.34
N VAL A 153 -7.53 2.21 4.69
CA VAL A 153 -6.99 3.60 4.63
C VAL A 153 -7.00 4.03 3.17
N PRO A 154 -6.81 5.33 2.86
CA PRO A 154 -6.76 5.73 1.46
C PRO A 154 -5.63 5.04 0.69
N GLY A 155 -5.88 4.69 -0.57
CA GLY A 155 -4.82 4.16 -1.45
C GLY A 155 -5.35 3.46 -2.66
N GLY A 156 -4.49 2.73 -3.36
CA GLY A 156 -4.88 2.04 -4.59
C GLY A 156 -3.69 1.35 -5.22
N HIS A 157 -3.79 0.99 -6.50
CA HIS A 157 -2.75 0.28 -7.27
C HIS A 157 -2.42 1.08 -8.52
N PRO A 158 -1.36 1.94 -8.49
CA PRO A 158 -1.07 2.84 -9.60
C PRO A 158 -0.85 2.15 -10.95
N GLU A 159 -1.42 2.77 -11.99
CA GLU A 159 -1.20 2.40 -13.42
C GLU A 159 -0.06 3.25 -13.97
N PRO A 160 1.02 2.66 -14.51
CA PRO A 160 2.08 3.37 -15.23
C PRO A 160 1.61 4.31 -16.36
N GLN A 161 2.34 5.44 -16.58
CA GLN A 161 2.16 6.56 -17.57
C GLN A 161 0.71 6.68 -18.05
N ASP A 173 18.87 5.92 -13.45
CA ASP A 173 17.72 6.62 -12.84
C ASP A 173 17.11 7.57 -13.88
N LEU A 174 17.31 7.36 -15.18
CA LEU A 174 16.78 8.32 -16.17
C LEU A 174 15.44 7.86 -16.73
N ALA A 175 14.92 6.71 -16.29
CA ALA A 175 13.45 6.47 -16.36
C ALA A 175 12.90 6.31 -14.93
N GLY A 176 13.75 5.78 -14.02
CA GLY A 176 13.75 5.72 -12.53
C GLY A 176 13.10 6.89 -11.79
N GLN A 177 13.57 8.11 -12.00
CA GLN A 177 13.09 9.29 -11.27
C GLN A 177 11.64 9.61 -11.66
N LEU A 178 11.25 9.35 -12.91
CA LEU A 178 9.85 9.62 -13.32
C LEU A 178 8.97 8.56 -12.66
N VAL A 179 9.46 7.34 -12.50
CA VAL A 179 8.66 6.27 -11.85
C VAL A 179 8.46 6.63 -10.37
N VAL A 180 9.51 7.01 -9.65
CA VAL A 180 9.40 7.42 -8.22
C VAL A 180 8.38 8.57 -8.12
N HIS A 181 8.48 9.58 -8.99
CA HIS A 181 7.54 10.71 -9.05
C HIS A 181 6.10 10.20 -9.20
N GLU A 182 5.86 9.25 -10.11
N GLU A 182 5.89 9.23 -10.10
CA GLU A 182 4.49 8.73 -10.34
CA GLU A 182 4.54 8.68 -10.37
C GLU A 182 3.99 8.01 -9.08
C GLU A 182 4.01 8.01 -9.10
N LEU A 183 4.85 7.30 -8.34
CA LEU A 183 4.41 6.61 -7.09
C LEU A 183 3.97 7.64 -6.04
N PHE A 184 4.77 8.67 -5.79
CA PHE A 184 4.46 9.71 -4.79
C PHE A 184 3.20 10.49 -5.23
N SER A 185 3.12 10.86 -6.50
N SER A 185 3.09 10.85 -6.51
CA SER A 185 1.95 11.56 -7.09
CA SER A 185 1.92 11.60 -7.04
C SER A 185 0.67 10.73 -6.89
C SER A 185 0.65 10.73 -6.95
N SER A 186 0.75 9.42 -7.15
CA SER A 186 -0.42 8.51 -7.11
C SER A 186 -1.02 8.48 -5.69
N VAL A 187 -0.22 8.49 -4.61
CA VAL A 187 -0.85 8.42 -3.25
C VAL A 187 -1.62 9.73 -2.98
N LEU A 188 -1.12 10.88 -3.44
CA LEU A 188 -1.85 12.18 -3.30
C LEU A 188 -3.12 12.15 -4.15
N GLN A 189 -3.03 11.68 -5.41
CA GLN A 189 -4.19 11.62 -6.30
C GLN A 189 -5.27 10.73 -5.66
N GLU A 190 -4.93 9.58 -5.07
CA GLU A 190 -5.89 8.64 -4.42
C GLU A 190 -6.55 9.32 -3.21
N ILE A 191 -5.82 10.15 -2.45
CA ILE A 191 -6.43 10.93 -1.34
C ILE A 191 -7.42 11.95 -1.93
N CYS A 192 -7.04 12.72 -2.95
CA CYS A 192 -7.93 13.75 -3.57
C CYS A 192 -9.17 13.08 -4.18
N ASP A 193 -9.02 11.96 -4.86
CA ASP A 193 -10.18 11.28 -5.55
C ASP A 193 -11.15 10.68 -4.53
N GLU A 194 -10.68 10.02 -3.46
CA GLU A 194 -11.58 9.24 -2.56
C GLU A 194 -12.04 10.10 -1.37
N VAL A 195 -11.17 10.94 -0.79
CA VAL A 195 -11.51 11.75 0.42
C VAL A 195 -11.99 13.14 -0.03
N ASN A 196 -11.84 13.52 -1.31
CA ASN A 196 -12.35 14.80 -1.86
C ASN A 196 -11.63 16.00 -1.20
N LEU A 197 -10.37 15.85 -0.83
CA LEU A 197 -9.53 16.94 -0.24
C LEU A 197 -8.87 17.72 -1.37
N PRO A 198 -8.77 19.07 -1.23
CA PRO A 198 -7.94 19.84 -2.13
C PRO A 198 -6.46 19.43 -2.07
N LEU A 199 -5.79 19.36 -3.22
CA LEU A 199 -4.34 19.00 -3.28
C LEU A 199 -3.52 19.92 -2.40
N LEU A 200 -3.87 21.23 -2.36
CA LEU A 200 -3.09 22.23 -1.61
C LEU A 200 -3.29 22.11 -0.09
N THR A 201 -4.09 21.17 0.41
CA THR A 201 -4.13 20.92 1.87
C THR A 201 -3.19 19.76 2.27
N LEU A 202 -2.47 19.16 1.30
CA LEU A 202 -1.64 17.95 1.57
C LEU A 202 -0.13 18.26 1.55
N SER A 203 0.62 17.63 2.45
CA SER A 203 2.11 17.68 2.51
C SER A 203 2.70 16.79 1.40
N GLN A 204 3.98 16.99 1.04
CA GLN A 204 4.68 15.96 0.23
C GLN A 204 4.72 14.67 1.07
N PRO A 205 4.43 13.51 0.47
CA PRO A 205 4.46 12.26 1.24
C PRO A 205 5.88 11.84 1.69
N LEU A 206 5.95 11.08 2.79
CA LEU A 206 7.17 10.35 3.19
C LEU A 206 6.91 8.84 3.10
N LEU A 207 7.83 8.10 2.49
CA LEU A 207 7.69 6.62 2.46
C LEU A 207 8.06 6.06 3.84
N LEU A 208 7.13 5.35 4.49
CA LEU A 208 7.38 4.70 5.81
C LEU A 208 8.02 3.32 5.61
N GLY A 209 7.64 2.59 4.58
CA GLY A 209 8.10 1.21 4.36
C GLY A 209 7.23 0.46 3.39
N ILE A 210 7.42 -0.87 3.33
CA ILE A 210 6.68 -1.75 2.40
C ILE A 210 6.15 -2.91 3.22
N ALA A 211 4.88 -3.24 3.04
CA ALA A 211 4.20 -4.36 3.73
C ALA A 211 3.67 -5.37 2.71
N ARG A 212 3.69 -6.67 3.08
CA ARG A 212 3.14 -7.79 2.26
C ARG A 212 1.83 -8.28 2.88
N ASN A 213 0.86 -8.49 2.03
CA ASN A 213 -0.48 -9.07 2.31
C ASN A 213 -0.36 -10.56 2.09
N GLU A 214 -0.21 -11.32 3.15
CA GLU A 214 -0.09 -12.80 3.07
C GLU A 214 -1.44 -13.43 2.68
N THR A 215 -2.57 -12.74 2.84
CA THR A 215 -3.90 -13.24 2.38
C THR A 215 -4.05 -13.14 0.86
N SER A 216 -3.21 -12.37 0.16
CA SER A 216 -3.25 -12.25 -1.32
C SER A 216 -1.92 -12.75 -1.91
N ALA A 217 -1.38 -13.88 -1.39
CA ALA A 217 -0.21 -14.61 -1.94
C ALA A 217 1.05 -13.74 -1.91
N GLY A 218 1.13 -12.81 -0.96
CA GLY A 218 2.37 -12.06 -0.71
C GLY A 218 2.52 -10.81 -1.54
N ARG A 219 1.47 -10.29 -2.16
CA ARG A 219 1.64 -9.00 -2.88
C ARG A 219 1.89 -7.84 -1.91
N ALA A 220 2.68 -6.85 -2.35
CA ALA A 220 3.24 -5.80 -1.46
C ALA A 220 2.59 -4.43 -1.73
N SER A 221 2.57 -3.57 -0.73
CA SER A 221 2.15 -2.15 -0.87
C SER A 221 3.20 -1.23 -0.23
N ALA A 222 3.54 -0.14 -0.89
CA ALA A 222 4.31 0.96 -0.31
C ALA A 222 3.38 1.78 0.59
N GLU A 223 3.77 2.04 1.85
CA GLU A 223 2.93 2.73 2.85
C GLU A 223 3.58 4.10 3.16
N PHE A 224 2.81 5.18 3.02
CA PHE A 224 3.27 6.58 3.13
C PHE A 224 2.63 7.30 4.33
N TYR A 225 3.30 8.34 4.86
CA TYR A 225 2.73 9.31 5.82
C TYR A 225 2.43 10.59 5.02
N VAL A 226 1.20 11.08 5.14
CA VAL A 226 0.76 12.37 4.53
C VAL A 226 0.06 13.18 5.62
N GLN A 227 0.45 14.45 5.76
N GLN A 227 0.48 14.44 5.80
CA GLN A 227 -0.15 15.41 6.72
CA GLN A 227 -0.17 15.42 6.71
C GLN A 227 -1.15 16.31 5.98
C GLN A 227 -1.20 16.22 5.92
N CYS A 228 -2.34 16.52 6.56
CA CYS A 228 -3.38 17.43 6.00
C CYS A 228 -3.45 18.67 6.90
N SER A 229 -3.65 19.85 6.31
CA SER A 229 -3.74 21.13 7.06
C SER A 229 -5.16 21.33 7.61
N LEU A 230 -6.14 20.49 7.23
CA LEU A 230 -7.54 20.58 7.70
C LEU A 230 -7.71 19.75 8.98
N THR A 231 -8.64 20.16 9.83
CA THR A 231 -9.06 19.38 11.01
C THR A 231 -9.93 18.20 10.61
N SER A 232 -10.09 17.24 11.51
CA SER A 232 -10.97 16.07 11.33
C SER A 232 -12.39 16.50 10.89
N GLU A 233 -12.97 17.54 11.51
CA GLU A 233 -14.34 18.00 11.12
C GLU A 233 -14.33 18.52 9.67
N GLN A 234 -13.30 19.25 9.27
CA GLN A 234 -13.22 19.81 7.89
C GLN A 234 -13.01 18.65 6.90
N VAL A 235 -12.16 17.65 7.24
CA VAL A 235 -11.97 16.48 6.31
C VAL A 235 -13.32 15.76 6.12
N ARG A 236 -14.04 15.55 7.22
CA ARG A 236 -15.40 14.89 7.21
C ARG A 236 -16.34 15.66 6.26
N LYS A 237 -16.37 16.99 6.37
CA LYS A 237 -17.23 17.84 5.50
C LYS A 237 -16.86 17.62 4.03
N HIS A 238 -15.58 17.71 3.66
CA HIS A 238 -15.15 17.54 2.25
C HIS A 238 -15.58 16.17 1.72
N TYR A 239 -15.30 15.09 2.45
CA TYR A 239 -15.67 13.70 2.07
C TYR A 239 -17.18 13.64 1.80
N LEU A 240 -18.01 14.07 2.74
CA LEU A 240 -19.49 13.90 2.62
C LEU A 240 -20.05 14.81 1.52
N SER A 241 -19.46 15.97 1.28
CA SER A 241 -20.03 17.00 0.37
C SER A 241 -19.91 16.55 -1.09
N GLY A 242 -19.13 15.50 -1.37
CA GLY A 242 -19.08 14.86 -2.69
C GLY A 242 -20.34 14.04 -2.96
N GLY A 243 -20.99 13.52 -1.93
CA GLY A 243 -22.18 12.67 -2.12
C GLY A 243 -21.76 11.24 -2.39
N PRO A 244 -22.71 10.28 -2.40
CA PRO A 244 -22.37 8.86 -2.48
C PRO A 244 -21.60 8.45 -3.75
N GLU A 245 -21.77 9.18 -4.86
CA GLU A 245 -21.10 8.86 -6.15
C GLU A 245 -19.65 9.36 -6.15
N ALA A 246 -19.25 10.16 -5.17
CA ALA A 246 -17.90 10.77 -5.14
C ALA A 246 -16.86 9.79 -4.57
N HIS A 247 -17.25 8.71 -3.91
CA HIS A 247 -16.31 7.80 -3.20
C HIS A 247 -16.75 6.33 -3.34
N GLU A 248 -15.78 5.42 -3.35
CA GLU A 248 -16.04 3.95 -3.42
C GLU A 248 -16.37 3.46 -2.00
N SER A 249 -15.74 4.02 -0.96
CA SER A 249 -16.03 3.66 0.45
C SER A 249 -17.48 4.06 0.84
N THR A 250 -17.98 3.54 1.98
CA THR A 250 -19.36 3.77 2.47
C THR A 250 -19.40 4.63 3.74
N GLY A 251 -18.25 5.11 4.20
CA GLY A 251 -18.14 5.90 5.43
C GLY A 251 -16.69 6.27 5.71
N ILE A 252 -16.52 7.31 6.53
CA ILE A 252 -15.22 7.84 7.00
C ILE A 252 -15.29 7.94 8.52
N PHE A 253 -14.18 7.78 9.20
CA PHE A 253 -14.09 7.97 10.66
C PHE A 253 -12.63 8.23 11.05
N PHE A 254 -12.39 8.61 12.30
CA PHE A 254 -11.12 9.21 12.77
C PHE A 254 -10.71 8.60 14.12
N VAL A 255 -9.41 8.30 14.32
CA VAL A 255 -8.87 7.78 15.60
C VAL A 255 -7.74 8.70 16.02
N GLU A 256 -7.75 9.16 17.26
CA GLU A 256 -6.67 10.05 17.77
C GLU A 256 -5.31 9.35 17.57
N THR A 257 -4.23 10.08 17.17
CA THR A 257 -2.91 9.43 17.03
C THR A 257 -2.50 8.83 18.38
N GLN A 258 -2.92 9.46 19.48
CA GLN A 258 -2.69 8.93 20.86
C GLN A 258 -3.12 7.46 20.94
N ASN A 259 -4.28 7.13 20.35
CA ASN A 259 -4.95 5.81 20.48
C ASN A 259 -4.50 4.83 19.40
N VAL A 260 -3.90 5.32 18.31
CA VAL A 260 -3.36 4.42 17.25
C VAL A 260 -2.23 3.53 17.81
N ARG A 261 -1.47 4.01 18.81
CA ARG A 261 -0.41 3.25 19.50
C ARG A 261 -0.91 1.86 19.90
N ARG A 262 -2.11 1.74 20.48
CA ARG A 262 -2.62 0.45 21.04
C ARG A 262 -3.70 -0.15 20.12
N LEU A 263 -3.88 0.34 18.89
CA LEU A 263 -4.91 -0.22 17.97
C LEU A 263 -4.85 -1.75 17.86
N PRO A 264 -3.68 -2.42 17.80
CA PRO A 264 -3.69 -3.88 17.69
C PRO A 264 -4.31 -4.64 18.88
N GLU A 265 -4.57 -3.94 20.00
CA GLU A 265 -5.23 -4.54 21.20
C GLU A 265 -6.73 -4.26 21.21
N THR A 266 -7.27 -3.55 20.22
CA THR A 266 -8.71 -3.15 20.14
C THR A 266 -9.51 -4.12 19.28
N GLU A 267 -10.84 -4.10 19.41
CA GLU A 267 -11.77 -4.88 18.54
C GLU A 267 -11.72 -4.38 17.10
N MET A 268 -11.26 -3.13 16.86
CA MET A 268 -11.15 -2.56 15.49
C MET A 268 -10.13 -3.41 14.69
N TRP A 269 -9.08 -3.89 15.34
CA TRP A 269 -7.97 -4.59 14.62
C TRP A 269 -8.52 -5.76 13.80
N ALA A 270 -9.46 -6.54 14.35
CA ALA A 270 -10.08 -7.72 13.67
C ALA A 270 -10.86 -7.31 12.40
N GLU A 271 -11.19 -6.02 12.26
CA GLU A 271 -11.95 -5.48 11.11
C GLU A 271 -11.03 -4.80 10.09
N LEU A 272 -9.74 -4.63 10.37
CA LEU A 272 -8.80 -3.91 9.45
C LEU A 272 -8.33 -4.83 8.33
N CYS A 273 -8.43 -4.40 7.09
CA CYS A 273 -7.84 -5.20 6.00
C CYS A 273 -6.31 -5.21 6.09
N PRO A 274 -5.64 -6.28 5.58
CA PRO A 274 -4.19 -6.42 5.75
C PRO A 274 -3.32 -5.21 5.32
N SER A 275 -3.73 -4.60 4.20
CA SER A 275 -3.12 -3.39 3.59
C SER A 275 -3.06 -2.27 4.64
N ALA A 276 -4.20 -2.01 5.27
CA ALA A 276 -4.37 -0.96 6.31
C ALA A 276 -3.60 -1.36 7.59
N LYS A 277 -3.59 -2.64 7.98
CA LYS A 277 -2.76 -3.06 9.13
C LYS A 277 -1.27 -2.72 8.89
N GLY A 278 -0.77 -2.92 7.66
CA GLY A 278 0.62 -2.58 7.35
C GLY A 278 0.91 -1.09 7.51
N ALA A 279 0.01 -0.23 7.00
CA ALA A 279 0.11 1.23 7.17
C ALA A 279 0.20 1.63 8.66
N ILE A 280 -0.61 1.01 9.51
CA ILE A 280 -0.67 1.43 10.96
C ILE A 280 0.55 0.88 11.71
N ILE A 281 0.97 -0.35 11.44
CA ILE A 281 2.25 -0.89 12.03
C ILE A 281 3.44 0.01 11.68
N LEU A 282 3.56 0.35 10.40
CA LEU A 282 4.69 1.21 9.95
C LEU A 282 4.56 2.64 10.53
N TYR A 283 3.38 3.23 10.59
CA TYR A 283 3.18 4.53 11.27
C TYR A 283 3.67 4.45 12.71
N ASN A 284 3.23 3.43 13.46
CA ASN A 284 3.60 3.31 14.89
C ASN A 284 5.14 3.15 15.05
N ARG A 285 5.78 2.40 14.16
CA ARG A 285 7.25 2.11 14.25
C ARG A 285 8.13 3.28 13.79
N VAL A 286 7.71 3.99 12.75
CA VAL A 286 8.55 4.95 12.00
C VAL A 286 8.23 6.38 12.43
N GLN A 287 6.96 6.78 12.53
CA GLN A 287 6.59 8.16 13.01
C GLN A 287 6.40 8.15 14.53
N GLY A 288 5.71 7.18 15.12
CA GLY A 288 5.62 7.08 16.59
C GLY A 288 6.99 6.67 17.12
N SER A 289 7.00 5.86 18.15
CA SER A 289 8.19 5.34 18.88
C SER A 289 9.30 6.40 18.94
N PRO A 290 9.23 7.37 19.87
CA PRO A 290 10.27 8.39 19.93
C PRO A 290 11.62 7.79 20.37
N THR A 291 12.69 8.52 20.06
CA THR A 291 14.11 8.07 20.25
C THR A 291 14.83 8.98 21.26
N GLY A 292 14.37 10.21 21.52
CA GLY A 292 15.08 11.20 22.35
C GLY A 292 14.53 11.38 23.75
N ALA A 293 15.22 12.18 24.57
CA ALA A 293 14.95 12.35 26.02
C ALA A 293 13.59 13.01 26.27
N ALA A 294 13.24 14.07 25.54
CA ALA A 294 11.97 14.81 25.70
C ALA A 294 10.77 13.89 25.44
N LEU A 295 10.59 13.36 24.21
CA LEU A 295 9.36 12.59 23.84
C LEU A 295 9.33 11.22 24.50
N GLY A 296 10.49 10.71 24.94
CA GLY A 296 10.66 9.41 25.62
C GLY A 296 10.45 9.53 27.11
N SER A 297 10.23 10.73 27.66
CA SER A 297 9.97 10.94 29.11
C SER A 297 8.63 10.26 29.45
N PRO A 298 8.43 9.68 30.66
CA PRO A 298 7.22 8.89 30.91
C PRO A 298 5.87 9.64 30.84
N ALA A 299 5.83 10.95 31.11
CA ALA A 299 4.55 11.71 31.00
C ALA A 299 4.15 11.85 29.52
N LEU A 300 5.11 11.85 28.57
CA LEU A 300 4.80 11.92 27.11
C LEU A 300 4.72 10.52 26.46
N LEU A 301 5.35 9.49 27.05
CA LEU A 301 5.37 8.10 26.50
C LEU A 301 4.97 7.18 27.64
N PRO A 302 3.67 7.09 27.92
CA PRO A 302 3.19 6.35 29.08
C PRO A 302 3.63 4.88 29.06
N PRO A 303 4.11 4.32 30.19
CA PRO A 303 4.44 2.90 30.27
C PRO A 303 3.26 1.97 29.95
N LEU A 304 3.44 0.94 29.13
CA LEU A 304 2.46 -0.18 28.96
C LEU A 304 1.58 0.00 27.71
C01 RYP B . -7.46 -1.29 -1.28
C03 RYP B . -6.05 0.63 -0.75
C04 RYP B . -4.67 0.42 -0.01
C05 RYP B . -4.51 0.80 1.29
C06 RYP B . -3.26 0.59 1.89
C08 RYP B . -2.44 -0.32 0.00
C09 RYP B . -3.65 -0.15 -0.67
N02 RYP B . -7.08 -0.36 -0.28
N07 RYP B . -2.29 0.03 1.23
S DMS C . -22.95 -1.46 1.51
O DMS C . -23.52 -0.17 2.08
C1 DMS C . -21.94 -2.10 2.78
C2 DMS C . -24.26 -2.67 1.56
S DMS D . 1.19 18.82 -2.88
O DMS D . 0.79 20.27 -2.41
C1 DMS D . -0.18 17.81 -2.50
C2 DMS D . 1.20 18.85 -4.64
S DMS E . 15.99 -25.74 -9.87
O DMS E . 16.95 -24.99 -8.95
C1 DMS E . 15.89 -24.78 -11.33
C2 DMS E . 16.93 -27.06 -10.56
#